data_3BXO
#
_entry.id   3BXO
#
_cell.length_a   46.170
_cell.length_b   56.096
_cell.length_c   116.482
_cell.angle_alpha   90.000
_cell.angle_beta   92.500
_cell.angle_gamma   90.000
#
_symmetry.space_group_name_H-M   'P 1 21 1'
#
loop_
_entity.id
_entity.type
_entity.pdbx_description
1 polymer N,N-dimethyltransferase
2 non-polymer S-ADENOSYLMETHIONINE
3 non-polymer "PHENYL-URIDINE-5'-DIPHOSPHATE"
4 non-polymer 1,2-ETHANEDIOL
5 water water
#
_entity_poly.entity_id   1
_entity_poly.type   'polypeptide(L)'
_entity_poly.pdbx_seq_one_letter_code
;GHMYEVDHADVYDLFYLGRGKDYAAEASDIADLVRSRTPEASSLLDVACGTGTHLEHFTKEFGDTAGLELSEDMLTHARK
RLPDATLHQGDMRDFRLGRKFSAVVSMFSSVGYLKTTEELGAAVASFAEHLEPGGVVVVEPWWFPETFADGWVSADVVRR
DGRTVARVSHSVREGNATRMEVHFTVADPGKGVRHFSDVHLITLFHQAEYEAAFTAAGLRVEYLEGGPSGRGLFVGVPA
;
_entity_poly.pdbx_strand_id   A,B
#
# COMPACT_ATOMS: atom_id res chain seq x y z
N TYR A 4 1.47 -11.36 13.52
CA TYR A 4 0.65 -11.92 12.45
C TYR A 4 1.45 -12.28 11.22
N GLU A 5 1.48 -13.58 10.94
CA GLU A 5 2.23 -14.08 9.80
C GLU A 5 1.49 -14.32 8.50
N VAL A 6 2.23 -14.22 7.41
CA VAL A 6 1.69 -14.39 6.06
C VAL A 6 2.76 -15.10 5.23
N ASP A 7 2.35 -15.98 4.30
CA ASP A 7 3.23 -16.74 3.41
C ASP A 7 3.60 -15.87 2.19
N HIS A 8 4.87 -15.47 2.09
CA HIS A 8 5.21 -14.59 0.94
C HIS A 8 4.80 -14.97 -0.49
N ALA A 9 5.23 -16.15 -0.92
CA ALA A 9 4.90 -16.65 -2.25
C ALA A 9 3.38 -16.63 -2.46
N ASP A 10 2.62 -17.01 -1.44
CA ASP A 10 1.16 -17.03 -1.54
C ASP A 10 0.68 -15.60 -1.75
N VAL A 11 1.39 -14.67 -1.10
CA VAL A 11 1.11 -13.24 -1.22
C VAL A 11 1.47 -12.83 -2.66
N TYR A 12 2.65 -13.21 -3.15
CA TYR A 12 2.95 -12.86 -4.53
C TYR A 12 1.89 -13.46 -5.44
N ASP A 13 1.46 -14.70 -5.18
CA ASP A 13 0.47 -15.29 -6.08
C ASP A 13 -0.84 -14.53 -6.11
N LEU A 14 -1.41 -14.27 -4.94
CA LEU A 14 -2.68 -13.55 -4.91
C LEU A 14 -2.53 -12.18 -5.57
N PHE A 15 -1.42 -11.50 -5.29
CA PHE A 15 -1.24 -10.19 -5.93
C PHE A 15 -1.27 -10.18 -7.45
N TYR A 16 -0.42 -10.99 -8.07
CA TYR A 16 -0.42 -10.97 -9.53
C TYR A 16 -1.74 -11.42 -10.13
N LEU A 17 -2.48 -12.27 -9.40
CA LEU A 17 -3.78 -12.72 -9.93
C LEU A 17 -4.72 -11.53 -9.85
N GLY A 18 -4.74 -10.94 -8.67
CA GLY A 18 -5.59 -9.79 -8.48
C GLY A 18 -5.13 -8.65 -9.39
N ARG A 19 -3.83 -8.55 -9.66
CA ARG A 19 -3.35 -7.48 -10.51
C ARG A 19 -3.88 -7.65 -11.91
N GLY A 20 -4.25 -8.89 -12.21
CA GLY A 20 -4.74 -9.06 -13.56
C GLY A 20 -3.73 -9.80 -14.43
N LYS A 21 -2.58 -10.21 -13.89
CA LYS A 21 -1.64 -10.94 -14.75
C LYS A 21 -2.43 -12.24 -15.07
N ASP A 22 -2.53 -12.56 -16.35
CA ASP A 22 -3.25 -13.75 -16.76
C ASP A 22 -2.33 -14.84 -17.29
N TYR A 23 -1.92 -15.70 -16.37
CA TYR A 23 -1.02 -16.83 -16.65
C TYR A 23 -1.52 -17.81 -17.73
N ALA A 24 -2.82 -18.03 -17.72
CA ALA A 24 -3.51 -18.93 -18.62
C ALA A 24 -3.35 -18.44 -20.05
N ALA A 25 -3.77 -17.19 -20.26
CA ALA A 25 -3.68 -16.55 -21.57
C ALA A 25 -2.21 -16.50 -21.95
N GLU A 26 -1.35 -16.17 -20.99
CA GLU A 26 0.07 -16.12 -21.30
C GLU A 26 0.54 -17.50 -21.76
N ALA A 27 0.19 -18.50 -20.97
CA ALA A 27 0.62 -19.84 -21.29
C ALA A 27 0.17 -20.25 -22.68
N SER A 28 -1.08 -19.92 -23.00
CA SER A 28 -1.61 -20.27 -24.30
C SER A 28 -0.91 -19.59 -25.46
N ASP A 29 -0.66 -18.28 -25.35
CA ASP A 29 0.01 -17.56 -26.42
C ASP A 29 1.41 -18.16 -26.67
N ILE A 30 2.11 -18.48 -25.59
CA ILE A 30 3.45 -19.08 -25.70
C ILE A 30 3.33 -20.45 -26.41
N ALA A 31 2.34 -21.25 -26.04
CA ALA A 31 2.15 -22.57 -26.64
C ALA A 31 1.99 -22.37 -28.14
N ASP A 32 1.19 -21.40 -28.58
CA ASP A 32 1.02 -21.17 -30.03
C ASP A 32 2.34 -20.76 -30.67
N LEU A 33 3.04 -19.89 -29.93
CA LEU A 33 4.33 -19.38 -30.33
C LEU A 33 5.19 -20.62 -30.53
N VAL A 34 5.18 -21.45 -29.50
CA VAL A 34 5.97 -22.68 -29.58
C VAL A 34 5.58 -23.50 -30.82
N ARG A 35 4.29 -23.73 -31.03
N ARG A 35 4.29 -23.72 -31.03
CA ARG A 35 3.83 -24.53 -32.17
CA ARG A 35 3.92 -24.53 -32.19
C ARG A 35 4.22 -23.92 -33.51
C ARG A 35 4.36 -23.91 -33.50
N SER A 36 4.24 -22.59 -33.55
CA SER A 36 4.62 -21.86 -34.75
C SER A 36 6.04 -22.17 -35.27
N ARG A 37 6.93 -22.66 -34.42
CA ARG A 37 8.31 -22.99 -34.82
C ARG A 37 8.57 -24.48 -34.73
N THR A 38 7.77 -25.13 -33.89
CA THR A 38 7.88 -26.59 -33.66
C THR A 38 6.47 -27.14 -33.59
N PRO A 39 5.92 -27.37 -34.78
CA PRO A 39 4.55 -27.85 -34.85
C PRO A 39 4.34 -29.18 -34.20
N GLU A 40 5.37 -30.01 -34.16
CA GLU A 40 5.07 -31.28 -33.53
C GLU A 40 5.41 -31.29 -32.05
N ALA A 41 5.62 -30.09 -31.51
CA ALA A 41 5.95 -29.93 -30.10
C ALA A 41 5.12 -30.86 -29.24
N SER A 42 5.78 -31.66 -28.39
CA SER A 42 5.12 -32.59 -27.48
C SER A 42 5.58 -32.63 -26.00
N SER A 43 6.52 -31.78 -25.62
CA SER A 43 7.03 -31.72 -24.23
C SER A 43 7.54 -30.30 -24.00
N LEU A 44 7.56 -29.87 -22.75
CA LEU A 44 8.03 -28.51 -22.54
C LEU A 44 8.62 -28.42 -21.14
N LEU A 45 9.70 -27.65 -21.03
CA LEU A 45 10.41 -27.40 -19.78
C LEU A 45 10.29 -25.92 -19.40
N ASP A 46 9.83 -25.67 -18.18
CA ASP A 46 9.68 -24.32 -17.66
C ASP A 46 10.79 -24.09 -16.68
N VAL A 47 11.74 -23.28 -17.13
CA VAL A 47 12.91 -22.94 -16.34
C VAL A 47 12.53 -21.78 -15.41
N ALA A 48 12.84 -21.90 -14.12
CA ALA A 48 12.49 -20.89 -13.10
C ALA A 48 10.97 -20.74 -13.10
N CYS A 49 10.30 -21.88 -13.06
CA CYS A 49 8.84 -21.95 -13.09
C CYS A 49 8.10 -21.31 -11.90
N GLY A 50 8.85 -20.90 -10.89
CA GLY A 50 8.27 -20.29 -9.70
C GLY A 50 7.29 -21.23 -8.97
N THR A 51 6.06 -20.76 -8.74
CA THR A 51 5.03 -21.57 -8.08
C THR A 51 4.27 -22.38 -9.14
N GLY A 52 4.74 -22.41 -10.39
CA GLY A 52 4.05 -23.24 -11.39
C GLY A 52 2.74 -22.90 -12.07
N THR A 53 2.39 -21.63 -11.97
CA THR A 53 1.15 -21.22 -12.59
C THR A 53 1.23 -21.43 -14.09
N HIS A 54 2.28 -20.98 -14.78
CA HIS A 54 2.28 -21.23 -16.23
C HIS A 54 2.40 -22.77 -16.39
N LEU A 55 3.25 -23.40 -15.59
CA LEU A 55 3.42 -24.86 -15.73
C LEU A 55 2.11 -25.62 -15.74
N GLU A 56 1.20 -25.19 -14.88
CA GLU A 56 -0.09 -25.87 -14.86
C GLU A 56 -0.68 -25.94 -16.27
N HIS A 57 -0.86 -24.77 -16.88
CA HIS A 57 -1.42 -24.62 -18.22
C HIS A 57 -0.56 -25.24 -19.32
N PHE A 58 0.74 -25.14 -19.13
CA PHE A 58 1.60 -25.75 -20.15
C PHE A 58 1.36 -27.23 -20.06
N THR A 59 1.14 -27.73 -18.84
CA THR A 59 0.94 -29.17 -18.72
C THR A 59 -0.29 -29.57 -19.50
N LYS A 60 -1.34 -28.76 -19.44
CA LYS A 60 -2.54 -29.10 -20.19
C LYS A 60 -2.27 -28.97 -21.69
N GLU A 61 -1.42 -28.03 -22.07
CA GLU A 61 -1.13 -27.88 -23.48
C GLU A 61 -0.36 -29.02 -24.10
N PHE A 62 0.76 -29.40 -23.48
CA PHE A 62 1.64 -30.45 -24.00
C PHE A 62 1.70 -31.77 -23.27
N GLY A 63 1.10 -31.82 -22.09
CA GLY A 63 1.12 -33.06 -21.31
C GLY A 63 2.44 -33.49 -20.69
N ASP A 64 3.48 -33.63 -21.51
CA ASP A 64 4.80 -34.05 -21.02
C ASP A 64 5.57 -32.80 -20.64
N THR A 65 5.47 -32.40 -19.38
CA THR A 65 6.19 -31.19 -19.01
C THR A 65 7.02 -31.33 -17.72
N ALA A 66 7.97 -30.43 -17.48
CA ALA A 66 8.76 -30.46 -16.25
C ALA A 66 9.08 -29.04 -15.83
N GLY A 67 9.44 -28.86 -14.56
CA GLY A 67 9.80 -27.55 -14.07
C GLY A 67 11.16 -27.56 -13.38
N LEU A 68 11.84 -26.42 -13.47
CA LEU A 68 13.15 -26.22 -12.86
C LEU A 68 13.07 -24.91 -12.04
N GLU A 69 13.56 -24.98 -10.81
CA GLU A 69 13.55 -23.82 -9.93
C GLU A 69 14.74 -23.96 -8.99
N LEU A 70 15.37 -22.83 -8.75
CA LEU A 70 16.54 -22.75 -7.87
C LEU A 70 16.02 -22.67 -6.41
N SER A 71 14.89 -22.02 -6.20
CA SER A 71 14.31 -21.87 -4.86
C SER A 71 13.49 -23.05 -4.33
N GLU A 72 13.83 -23.50 -3.15
CA GLU A 72 13.10 -24.61 -2.57
C GLU A 72 11.71 -24.22 -2.19
N ASP A 73 11.62 -22.97 -1.73
CA ASP A 73 10.31 -22.50 -1.31
C ASP A 73 9.37 -22.39 -2.50
N MET A 74 9.92 -21.98 -3.64
CA MET A 74 9.12 -21.85 -4.86
C MET A 74 8.66 -23.27 -5.14
N LEU A 75 9.63 -24.18 -5.10
CA LEU A 75 9.38 -25.62 -5.34
C LEU A 75 8.26 -26.23 -4.46
N THR A 76 8.31 -25.90 -3.18
CA THR A 76 7.29 -26.40 -2.27
C THR A 76 5.89 -25.92 -2.70
N HIS A 77 5.81 -24.68 -3.12
CA HIS A 77 4.52 -24.16 -3.54
C HIS A 77 4.07 -24.76 -4.84
N ALA A 78 5.05 -24.98 -5.70
CA ALA A 78 4.77 -25.57 -7.01
C ALA A 78 4.21 -26.98 -6.84
N ARG A 79 4.77 -27.68 -5.88
CA ARG A 79 4.35 -29.06 -5.64
C ARG A 79 2.96 -29.05 -5.04
N LYS A 80 2.74 -28.12 -4.13
CA LYS A 80 1.42 -28.04 -3.54
C LYS A 80 0.41 -27.80 -4.65
N ARG A 81 0.71 -26.96 -5.61
CA ARG A 81 -0.23 -26.68 -6.70
C ARG A 81 -0.31 -27.83 -7.69
N LEU A 82 0.82 -28.45 -7.94
CA LEU A 82 0.88 -29.56 -8.89
C LEU A 82 1.53 -30.77 -8.26
N PRO A 83 0.77 -31.53 -7.49
CA PRO A 83 1.34 -32.71 -6.86
C PRO A 83 1.92 -33.74 -7.83
N ASP A 84 1.46 -33.76 -9.08
CA ASP A 84 2.00 -34.77 -10.00
C ASP A 84 2.97 -34.24 -11.05
N ALA A 85 3.37 -33.00 -10.86
CA ALA A 85 4.29 -32.39 -11.82
C ALA A 85 5.69 -32.90 -11.58
N THR A 86 6.51 -32.90 -12.63
CA THR A 86 7.91 -33.31 -12.55
C THR A 86 8.66 -32.02 -12.28
N LEU A 87 9.22 -31.88 -11.09
CA LEU A 87 9.91 -30.67 -10.78
C LEU A 87 11.33 -30.90 -10.32
N HIS A 88 12.22 -30.00 -10.73
CA HIS A 88 13.59 -30.18 -10.31
C HIS A 88 14.19 -28.97 -9.60
N GLN A 89 15.06 -29.21 -8.62
CA GLN A 89 15.70 -28.08 -7.96
C GLN A 89 16.97 -27.95 -8.80
N GLY A 90 17.45 -26.74 -9.02
CA GLY A 90 18.66 -26.59 -9.83
C GLY A 90 18.81 -25.14 -10.29
N ASP A 91 19.95 -24.84 -10.90
CA ASP A 91 20.31 -23.52 -11.41
C ASP A 91 20.20 -23.54 -12.91
N MET A 92 19.47 -22.60 -13.48
CA MET A 92 19.35 -22.60 -14.94
C MET A 92 20.70 -22.54 -15.62
N ARG A 93 21.63 -21.99 -14.84
CA ARG A 93 23.00 -21.85 -15.29
C ARG A 93 23.66 -23.15 -15.74
N ASP A 94 23.49 -24.23 -14.97
CA ASP A 94 24.15 -25.47 -15.34
C ASP A 94 23.48 -26.82 -15.09
N PHE A 95 22.15 -26.83 -15.03
CA PHE A 95 21.42 -28.07 -14.77
C PHE A 95 21.56 -29.06 -15.90
N ARG A 96 21.33 -30.33 -15.56
CA ARG A 96 21.36 -31.47 -16.47
C ARG A 96 20.25 -32.39 -16.05
N LEU A 97 19.21 -32.48 -16.88
CA LEU A 97 18.06 -33.31 -16.57
C LEU A 97 18.08 -34.71 -17.20
N GLY A 98 19.02 -34.98 -18.10
CA GLY A 98 19.11 -36.30 -18.72
C GLY A 98 18.02 -36.61 -19.74
N ARG A 99 17.42 -35.54 -20.25
CA ARG A 99 16.36 -35.69 -21.25
C ARG A 99 16.28 -34.39 -22.05
N LYS A 100 15.48 -34.42 -23.11
CA LYS A 100 15.32 -33.27 -23.97
C LYS A 100 13.83 -32.96 -24.01
N PHE A 101 13.47 -31.79 -24.52
CA PHE A 101 12.08 -31.37 -24.63
C PHE A 101 11.94 -30.63 -25.97
N SER A 102 10.73 -30.63 -26.49
CA SER A 102 10.44 -29.95 -27.75
C SER A 102 10.63 -28.47 -27.49
N ALA A 103 10.24 -28.03 -26.30
CA ALA A 103 10.40 -26.62 -25.98
C ALA A 103 10.92 -26.38 -24.59
N VAL A 104 11.77 -25.36 -24.51
CA VAL A 104 12.33 -24.91 -23.25
C VAL A 104 12.00 -23.41 -23.15
N VAL A 105 11.25 -23.05 -22.11
CA VAL A 105 10.89 -21.65 -21.94
C VAL A 105 11.21 -21.10 -20.54
N SER A 106 11.47 -19.81 -20.48
CA SER A 106 11.73 -19.14 -19.23
C SER A 106 10.88 -17.85 -19.26
N MET A 107 9.87 -17.77 -18.40
CA MET A 107 8.96 -16.62 -18.34
C MET A 107 9.21 -15.67 -17.20
N PHE A 108 8.60 -14.51 -17.39
CA PHE A 108 8.63 -13.45 -16.39
C PHE A 108 10.01 -12.91 -15.94
N SER A 109 10.89 -12.82 -16.92
CA SER A 109 12.21 -12.25 -16.72
C SER A 109 13.17 -12.89 -15.78
N SER A 110 13.01 -14.18 -15.57
CA SER A 110 13.91 -14.87 -14.66
C SER A 110 15.41 -14.85 -14.95
N VAL A 111 15.76 -14.87 -16.23
CA VAL A 111 17.16 -14.89 -16.66
C VAL A 111 17.84 -13.60 -16.30
N GLY A 112 17.04 -12.60 -15.94
CA GLY A 112 17.52 -11.27 -15.53
C GLY A 112 18.22 -11.41 -14.18
N TYR A 113 17.92 -12.49 -13.46
CA TYR A 113 18.56 -12.68 -12.18
C TYR A 113 19.98 -13.25 -12.34
N LEU A 114 20.36 -13.44 -13.60
CA LEU A 114 21.67 -13.95 -13.96
C LEU A 114 22.48 -12.66 -13.96
N LYS A 115 23.64 -12.79 -13.34
CA LYS A 115 24.58 -11.69 -13.15
C LYS A 115 25.53 -11.18 -14.20
N THR A 116 25.92 -12.00 -15.16
CA THR A 116 26.84 -11.52 -16.18
C THR A 116 26.52 -12.18 -17.49
N THR A 117 27.09 -11.68 -18.58
CA THR A 117 26.79 -12.31 -19.86
C THR A 117 27.31 -13.73 -19.88
N GLU A 118 28.36 -13.99 -19.11
CA GLU A 118 28.89 -15.35 -19.10
C GLU A 118 27.86 -16.27 -18.50
N GLU A 119 27.12 -15.78 -17.52
CA GLU A 119 26.09 -16.64 -16.92
C GLU A 119 24.91 -16.81 -17.86
N LEU A 120 24.53 -15.71 -18.50
CA LEU A 120 23.40 -15.76 -19.43
C LEU A 120 23.75 -16.80 -20.48
N GLY A 121 24.96 -16.67 -21.02
CA GLY A 121 25.36 -17.59 -22.05
C GLY A 121 25.27 -19.04 -21.62
N ALA A 122 25.77 -19.28 -20.41
CA ALA A 122 25.74 -20.64 -19.92
C ALA A 122 24.32 -21.16 -19.73
N ALA A 123 23.43 -20.28 -19.29
CA ALA A 123 22.05 -20.69 -19.06
C ALA A 123 21.38 -20.94 -20.39
N VAL A 124 21.75 -20.14 -21.37
CA VAL A 124 21.12 -20.34 -22.68
C VAL A 124 21.65 -21.62 -23.31
N ALA A 125 22.90 -21.91 -23.03
CA ALA A 125 23.51 -23.11 -23.60
C ALA A 125 22.79 -24.31 -23.02
N SER A 126 22.55 -24.27 -21.72
CA SER A 126 21.85 -25.34 -21.02
C SER A 126 20.46 -25.54 -21.60
N PHE A 127 19.84 -24.42 -21.96
CA PHE A 127 18.50 -24.54 -22.55
C PHE A 127 18.73 -25.33 -23.83
N ALA A 128 19.63 -24.83 -24.66
CA ALA A 128 19.92 -25.53 -25.91
C ALA A 128 20.21 -27.02 -25.66
N GLU A 129 20.96 -27.33 -24.62
CA GLU A 129 21.28 -28.72 -24.39
C GLU A 129 20.11 -29.67 -24.11
N HIS A 130 18.96 -29.15 -23.68
CA HIS A 130 17.81 -30.01 -23.38
C HIS A 130 16.80 -29.88 -24.52
N LEU A 131 17.25 -29.30 -25.61
CA LEU A 131 16.36 -29.10 -26.72
C LEU A 131 16.30 -30.21 -27.76
N GLU A 132 15.10 -30.68 -28.11
CA GLU A 132 15.04 -31.71 -29.14
C GLU A 132 15.40 -31.06 -30.49
N PRO A 133 15.72 -31.91 -31.45
CA PRO A 133 16.05 -31.41 -32.77
C PRO A 133 14.75 -30.76 -33.21
N GLY A 134 14.89 -29.62 -33.87
CA GLY A 134 13.72 -28.90 -34.34
C GLY A 134 12.91 -28.26 -33.22
N GLY A 135 13.54 -28.14 -32.05
CA GLY A 135 12.85 -27.54 -30.91
C GLY A 135 12.88 -26.01 -30.93
N VAL A 136 12.40 -25.42 -29.86
CA VAL A 136 12.40 -23.99 -29.83
C VAL A 136 12.55 -23.54 -28.38
N VAL A 137 13.32 -22.46 -28.21
CA VAL A 137 13.60 -21.83 -26.91
C VAL A 137 12.92 -20.47 -26.88
N VAL A 138 12.21 -20.17 -25.81
CA VAL A 138 11.49 -18.91 -25.65
C VAL A 138 11.88 -18.32 -24.32
N VAL A 139 12.47 -17.12 -24.34
CA VAL A 139 12.89 -16.46 -23.11
C VAL A 139 12.27 -15.07 -22.98
N GLU A 140 11.65 -14.81 -21.85
CA GLU A 140 11.03 -13.49 -21.65
C GLU A 140 12.11 -12.85 -20.78
N PRO A 141 12.77 -11.84 -21.32
CA PRO A 141 13.84 -11.13 -20.61
C PRO A 141 13.32 -10.01 -19.69
N TRP A 142 14.28 -9.37 -19.03
CA TRP A 142 14.01 -8.25 -18.15
C TRP A 142 14.21 -7.10 -19.14
N TRP A 143 14.04 -5.85 -18.73
CA TRP A 143 14.20 -4.68 -19.58
C TRP A 143 15.64 -4.53 -20.07
N PHE A 144 15.83 -3.70 -21.09
CA PHE A 144 17.17 -3.47 -21.63
C PHE A 144 17.64 -2.14 -21.07
N PRO A 145 18.95 -1.90 -21.01
CA PRO A 145 19.50 -0.64 -20.50
C PRO A 145 18.75 0.49 -21.20
N GLU A 146 18.56 0.36 -22.51
CA GLU A 146 17.86 1.37 -23.29
C GLU A 146 16.37 1.54 -23.06
N THR A 147 15.72 0.57 -22.43
CA THR A 147 14.26 0.69 -22.23
C THR A 147 13.89 0.80 -20.76
N PHE A 148 14.91 0.71 -19.90
CA PHE A 148 14.68 0.76 -18.47
C PHE A 148 14.15 2.12 -18.03
N ALA A 149 13.17 2.16 -17.13
CA ALA A 149 12.64 3.46 -16.67
C ALA A 149 13.15 3.60 -15.22
N ASP A 150 14.23 4.35 -15.05
CA ASP A 150 14.82 4.51 -13.72
C ASP A 150 13.93 5.29 -12.76
N GLY A 151 13.95 4.95 -11.48
CA GLY A 151 13.12 5.70 -10.52
C GLY A 151 11.64 5.34 -10.56
N TRP A 152 11.32 4.33 -11.34
CA TRP A 152 9.93 3.89 -11.47
C TRP A 152 9.28 3.44 -10.17
N VAL A 153 8.10 3.98 -9.89
CA VAL A 153 7.40 3.57 -8.67
C VAL A 153 6.11 2.87 -9.10
N SER A 154 5.82 1.71 -8.53
CA SER A 154 4.57 1.01 -8.86
C SER A 154 3.88 0.98 -7.50
N ALA A 155 2.58 1.23 -7.48
CA ALA A 155 1.81 1.18 -6.24
C ALA A 155 0.43 0.62 -6.59
N ASP A 156 0.07 -0.53 -6.04
CA ASP A 156 -1.22 -1.11 -6.35
C ASP A 156 -1.85 -1.74 -5.15
N VAL A 157 -3.18 -1.79 -5.18
CA VAL A 157 -3.93 -2.43 -4.10
C VAL A 157 -4.82 -3.44 -4.78
N VAL A 158 -4.79 -4.63 -4.21
CA VAL A 158 -5.57 -5.75 -4.70
C VAL A 158 -6.31 -6.35 -3.53
N ARG A 159 -7.49 -6.87 -3.82
CA ARG A 159 -8.28 -7.52 -2.79
C ARG A 159 -8.85 -8.74 -3.51
N ARG A 160 -8.48 -9.92 -3.05
CA ARG A 160 -8.97 -11.13 -3.69
C ARG A 160 -9.14 -12.13 -2.55
N ASP A 161 -10.22 -12.91 -2.64
CA ASP A 161 -10.58 -13.93 -1.66
C ASP A 161 -10.58 -13.38 -0.26
N GLY A 162 -11.15 -12.20 -0.06
CA GLY A 162 -11.20 -11.58 1.27
C GLY A 162 -9.94 -10.91 1.76
N ARG A 163 -8.81 -11.12 1.08
CA ARG A 163 -7.52 -10.54 1.47
C ARG A 163 -7.20 -9.27 0.70
N THR A 164 -6.56 -8.31 1.36
CA THR A 164 -6.22 -7.10 0.64
C THR A 164 -4.71 -7.06 0.69
N VAL A 165 -4.10 -6.72 -0.44
CA VAL A 165 -2.64 -6.62 -0.52
C VAL A 165 -2.26 -5.29 -1.17
N ALA A 166 -1.41 -4.48 -0.51
CA ALA A 166 -0.96 -3.22 -1.09
C ALA A 166 0.49 -3.48 -1.46
N ARG A 167 0.92 -3.01 -2.62
CA ARG A 167 2.29 -3.30 -2.96
C ARG A 167 2.78 -2.09 -3.66
N VAL A 168 4.02 -1.75 -3.32
CA VAL A 168 4.73 -0.62 -3.89
C VAL A 168 6.16 -1.00 -4.16
N SER A 169 6.65 -0.68 -5.36
CA SER A 169 8.05 -1.01 -5.62
C SER A 169 8.65 0.26 -6.15
N HIS A 170 9.94 0.40 -5.89
CA HIS A 170 10.68 1.56 -6.38
C HIS A 170 11.89 0.92 -7.07
N SER A 171 12.17 1.32 -8.32
CA SER A 171 13.28 0.77 -9.11
C SER A 171 14.31 1.85 -9.47
N VAL A 172 15.58 1.53 -9.26
CA VAL A 172 16.64 2.48 -9.55
C VAL A 172 17.79 1.71 -10.15
N ARG A 173 18.37 2.27 -11.18
CA ARG A 173 19.50 1.56 -11.76
C ARG A 173 20.76 1.59 -10.86
N GLU A 174 21.43 0.46 -10.77
N GLU A 174 21.42 0.45 -10.68
CA GLU A 174 22.63 0.41 -9.98
CA GLU A 174 22.63 0.33 -9.84
C GLU A 174 23.54 -0.45 -10.84
C GLU A 174 23.61 -0.46 -10.73
N GLY A 175 24.58 0.19 -11.35
CA GLY A 175 25.51 -0.52 -12.25
C GLY A 175 24.68 -0.86 -13.49
N ASN A 176 24.86 -2.10 -13.95
CA ASN A 176 24.14 -2.61 -15.10
C ASN A 176 22.95 -3.43 -14.58
N ALA A 177 22.35 -3.02 -13.46
CA ALA A 177 21.20 -3.77 -12.94
C ALA A 177 20.12 -2.84 -12.37
N THR A 178 18.91 -3.38 -12.20
CA THR A 178 17.81 -2.63 -11.62
C THR A 178 17.76 -3.11 -10.18
N ARG A 179 17.72 -2.19 -9.24
CA ARG A 179 17.63 -2.57 -7.83
C ARG A 179 16.21 -2.17 -7.50
N MET A 180 15.33 -3.17 -7.41
CA MET A 180 13.91 -2.96 -7.12
C MET A 180 13.58 -3.34 -5.67
N GLU A 181 13.11 -2.36 -4.90
CA GLU A 181 12.74 -2.68 -3.52
C GLU A 181 11.22 -2.65 -3.51
N VAL A 182 10.68 -3.73 -2.96
CA VAL A 182 9.24 -3.98 -2.86
C VAL A 182 8.79 -4.14 -1.45
N HIS A 183 7.66 -3.48 -1.21
CA HIS A 183 6.97 -3.45 0.07
C HIS A 183 5.57 -3.98 -0.06
N PHE A 184 5.33 -5.04 0.69
CA PHE A 184 4.01 -5.64 0.64
C PHE A 184 3.29 -5.40 1.94
N THR A 185 2.04 -4.99 1.80
CA THR A 185 1.24 -4.79 3.00
C THR A 185 0.05 -5.69 2.80
N VAL A 186 -0.11 -6.62 3.76
CA VAL A 186 -1.22 -7.59 3.71
C VAL A 186 -2.21 -7.60 4.87
N ALA A 187 -3.49 -7.52 4.55
CA ALA A 187 -4.49 -7.53 5.60
C ALA A 187 -5.64 -8.50 5.36
N ASP A 188 -5.99 -9.19 6.44
CA ASP A 188 -7.07 -10.18 6.48
C ASP A 188 -7.99 -9.69 7.57
N PRO A 189 -9.15 -9.26 7.13
CA PRO A 189 -10.14 -8.75 8.04
C PRO A 189 -10.29 -9.59 9.29
N GLY A 190 -10.33 -8.92 10.43
CA GLY A 190 -10.50 -9.59 11.71
C GLY A 190 -9.32 -10.50 12.04
N LYS A 191 -8.28 -10.53 11.22
CA LYS A 191 -7.16 -11.40 11.57
C LYS A 191 -5.91 -10.61 11.80
N GLY A 192 -5.68 -9.61 10.96
CA GLY A 192 -4.49 -8.80 11.16
C GLY A 192 -4.05 -8.20 9.84
N VAL A 193 -2.92 -7.48 9.95
CA VAL A 193 -2.23 -6.78 8.88
C VAL A 193 -0.77 -7.05 9.14
N ARG A 194 -0.06 -7.28 8.05
CA ARG A 194 1.36 -7.60 8.09
C ARG A 194 2.13 -6.96 6.92
N HIS A 195 3.39 -6.60 7.17
CA HIS A 195 4.20 -5.98 6.12
C HIS A 195 5.49 -6.74 5.90
N PHE A 196 5.96 -6.71 4.67
CA PHE A 196 7.23 -7.36 4.39
C PHE A 196 7.79 -6.72 3.11
N SER A 197 9.11 -6.76 3.01
CA SER A 197 9.75 -6.22 1.84
C SER A 197 10.82 -7.18 1.29
N ASP A 198 11.09 -6.99 0.00
CA ASP A 198 12.09 -7.78 -0.72
C ASP A 198 12.91 -6.82 -1.59
N VAL A 199 14.16 -7.18 -1.86
CA VAL A 199 15.02 -6.37 -2.72
C VAL A 199 15.47 -7.32 -3.82
N HIS A 200 15.26 -6.92 -5.07
CA HIS A 200 15.62 -7.75 -6.24
C HIS A 200 16.64 -7.01 -7.07
N LEU A 201 17.66 -7.70 -7.56
CA LEU A 201 18.67 -7.08 -8.39
C LEU A 201 18.51 -7.75 -9.74
N ILE A 202 17.99 -7.03 -10.72
CA ILE A 202 17.78 -7.62 -12.04
C ILE A 202 18.66 -6.97 -13.08
N THR A 203 19.54 -7.78 -13.66
CA THR A 203 20.49 -7.32 -14.67
C THR A 203 19.84 -6.71 -15.91
N LEU A 204 20.40 -5.61 -16.38
CA LEU A 204 19.93 -4.92 -17.58
C LEU A 204 20.87 -5.37 -18.67
N PHE A 205 20.51 -6.42 -19.38
CA PHE A 205 21.42 -6.88 -20.45
C PHE A 205 20.94 -6.15 -21.70
N HIS A 206 21.86 -5.80 -22.59
CA HIS A 206 21.40 -5.14 -23.82
C HIS A 206 20.79 -6.32 -24.65
N GLN A 207 19.90 -6.00 -25.58
CA GLN A 207 19.31 -7.05 -26.41
C GLN A 207 20.42 -7.84 -27.12
N ALA A 208 21.42 -7.12 -27.61
CA ALA A 208 22.49 -7.80 -28.31
C ALA A 208 23.20 -8.77 -27.36
N GLU A 209 23.22 -8.46 -26.08
CA GLU A 209 23.89 -9.41 -25.19
C GLU A 209 23.08 -10.71 -25.14
N TYR A 210 21.77 -10.54 -25.10
CA TYR A 210 20.84 -11.66 -25.07
C TYR A 210 21.00 -12.50 -26.34
N GLU A 211 21.03 -11.81 -27.47
CA GLU A 211 21.16 -12.51 -28.75
C GLU A 211 22.48 -13.25 -28.85
N ALA A 212 23.51 -12.62 -28.31
CA ALA A 212 24.82 -13.26 -28.36
C ALA A 212 24.75 -14.59 -27.61
N ALA A 213 24.08 -14.61 -26.46
CA ALA A 213 23.98 -15.83 -25.66
C ALA A 213 23.28 -16.95 -26.42
N PHE A 214 22.31 -16.57 -27.26
CA PHE A 214 21.60 -17.53 -28.09
C PHE A 214 22.55 -17.97 -29.22
N THR A 215 23.25 -17.04 -29.83
CA THR A 215 24.15 -17.48 -30.88
C THR A 215 25.23 -18.41 -30.37
N ALA A 216 25.81 -18.06 -29.24
CA ALA A 216 26.86 -18.94 -28.74
C ALA A 216 26.37 -20.33 -28.43
N ALA A 217 25.07 -20.44 -28.13
CA ALA A 217 24.51 -21.74 -27.79
C ALA A 217 24.10 -22.49 -29.05
N GLY A 218 24.43 -21.94 -30.22
CA GLY A 218 24.08 -22.56 -31.49
C GLY A 218 22.62 -22.34 -31.90
N LEU A 219 22.00 -21.30 -31.34
CA LEU A 219 20.60 -21.02 -31.65
C LEU A 219 20.45 -19.79 -32.51
N ARG A 220 19.55 -19.85 -33.50
CA ARG A 220 19.29 -18.71 -34.35
C ARG A 220 18.22 -18.04 -33.48
N VAL A 221 18.31 -16.73 -33.27
CA VAL A 221 17.35 -16.07 -32.42
C VAL A 221 16.65 -14.86 -33.03
N GLU A 222 15.45 -14.56 -32.54
CA GLU A 222 14.75 -13.39 -33.05
C GLU A 222 14.06 -12.73 -31.85
N TYR A 223 14.02 -11.39 -31.79
CA TYR A 223 13.40 -10.70 -30.66
C TYR A 223 12.03 -10.24 -31.09
N LEU A 224 11.08 -10.43 -30.20
CA LEU A 224 9.69 -10.05 -30.45
C LEU A 224 9.28 -8.98 -29.44
N GLU A 225 8.86 -7.82 -29.96
CA GLU A 225 8.42 -6.68 -29.13
C GLU A 225 7.12 -7.02 -28.48
N GLY A 226 6.89 -6.43 -27.31
CA GLY A 226 5.64 -6.63 -26.56
C GLY A 226 5.83 -7.67 -25.48
N GLY A 227 5.40 -8.88 -25.84
CA GLY A 227 5.49 -10.01 -24.93
C GLY A 227 4.48 -9.82 -23.81
N PRO A 228 4.35 -10.84 -22.98
CA PRO A 228 3.43 -10.79 -21.86
C PRO A 228 3.51 -9.56 -20.98
N SER A 229 4.71 -9.02 -20.76
CA SER A 229 4.88 -7.86 -19.89
C SER A 229 5.44 -6.60 -20.53
N GLY A 230 5.49 -6.54 -21.85
CA GLY A 230 6.03 -5.33 -22.45
C GLY A 230 7.56 -5.36 -22.52
N ARG A 231 8.14 -6.50 -22.18
CA ARG A 231 9.59 -6.60 -22.25
C ARG A 231 9.98 -7.37 -23.52
N GLY A 232 8.97 -7.80 -24.29
CA GLY A 232 9.16 -8.56 -25.53
C GLY A 232 9.49 -10.04 -25.26
N LEU A 233 9.95 -10.78 -26.28
CA LEU A 233 10.31 -12.18 -26.06
C LEU A 233 11.39 -12.58 -27.06
N PHE A 234 12.33 -13.41 -26.64
CA PHE A 234 13.40 -13.90 -27.51
C PHE A 234 13.03 -15.34 -27.86
N VAL A 235 13.05 -15.66 -29.15
CA VAL A 235 12.72 -16.99 -29.64
C VAL A 235 13.92 -17.61 -30.36
N GLY A 236 14.39 -18.77 -29.92
CA GLY A 236 15.54 -19.38 -30.57
C GLY A 236 15.25 -20.78 -31.05
N VAL A 237 15.99 -21.19 -32.08
CA VAL A 237 15.87 -22.51 -32.68
C VAL A 237 17.26 -22.90 -33.16
N PRO A 238 17.51 -24.20 -33.22
CA PRO A 238 18.84 -24.61 -33.65
C PRO A 238 19.23 -23.91 -34.96
N ALA A 239 20.46 -23.41 -35.00
CA ALA A 239 20.90 -22.72 -36.20
C ALA A 239 21.05 -23.83 -37.24
N TYR B 4 17.07 8.09 2.30
CA TYR B 4 15.70 8.57 2.03
C TYR B 4 14.88 8.44 3.31
N GLU B 5 14.45 9.54 3.88
CA GLU B 5 13.64 9.43 5.11
C GLU B 5 12.36 10.23 4.89
N VAL B 6 11.29 9.91 5.60
CA VAL B 6 10.08 10.67 5.38
C VAL B 6 9.53 11.21 6.70
N ASP B 7 9.06 12.45 6.64
CA ASP B 7 8.48 13.14 7.77
C ASP B 7 7.09 12.51 7.98
N HIS B 8 6.92 11.80 9.08
CA HIS B 8 5.59 11.17 9.26
C HIS B 8 4.35 12.03 9.18
N ALA B 9 4.30 13.14 9.92
CA ALA B 9 3.10 13.97 9.85
C ALA B 9 2.88 14.60 8.46
N ASP B 10 3.97 14.86 7.74
CA ASP B 10 3.80 15.43 6.42
C ASP B 10 3.18 14.29 5.60
N VAL B 11 3.51 13.05 5.95
CA VAL B 11 2.95 11.91 5.21
C VAL B 11 1.45 11.82 5.45
N TYR B 12 1.05 11.91 6.72
CA TYR B 12 -0.38 11.85 6.97
C TYR B 12 -1.12 12.96 6.22
N ASP B 13 -0.51 14.13 6.26
CA ASP B 13 -1.07 15.32 5.63
C ASP B 13 -1.33 15.17 4.14
N LEU B 14 -0.28 14.77 3.48
CA LEU B 14 -0.37 14.60 2.03
C LEU B 14 -1.39 13.51 1.81
N PHE B 15 -1.33 12.47 2.65
CA PHE B 15 -2.29 11.37 2.50
C PHE B 15 -3.75 11.81 2.48
N TYR B 16 -4.12 12.56 3.50
CA TYR B 16 -5.49 13.02 3.59
C TYR B 16 -5.90 13.99 2.52
N LEU B 17 -4.94 14.79 2.06
CA LEU B 17 -5.30 15.72 0.99
C LEU B 17 -5.60 14.87 -0.25
N GLY B 18 -4.68 13.97 -0.56
CA GLY B 18 -4.80 13.09 -1.73
C GLY B 18 -6.05 12.23 -1.72
N ARG B 19 -6.44 11.82 -0.51
CA ARG B 19 -7.62 11.00 -0.31
C ARG B 19 -8.90 11.76 -0.61
N GLY B 20 -8.83 13.10 -0.56
CA GLY B 20 -9.99 13.94 -0.82
C GLY B 20 -10.65 14.51 0.43
N LYS B 21 -9.97 14.52 1.58
CA LYS B 21 -10.53 15.08 2.80
C LYS B 21 -10.40 16.58 2.50
N ASP B 22 -11.48 17.33 2.61
CA ASP B 22 -11.47 18.74 2.31
C ASP B 22 -11.58 19.55 3.59
N TYR B 23 -10.43 19.81 4.22
CA TYR B 23 -10.35 20.57 5.48
C TYR B 23 -10.94 21.98 5.33
N ALA B 24 -10.75 22.61 4.17
CA ALA B 24 -11.28 23.93 3.96
C ALA B 24 -12.81 23.87 4.05
N ALA B 25 -13.41 22.94 3.31
CA ALA B 25 -14.86 22.78 3.34
C ALA B 25 -15.29 22.35 4.73
N GLU B 26 -14.54 21.47 5.36
CA GLU B 26 -15.01 21.08 6.67
C GLU B 26 -15.07 22.25 7.66
N ALA B 27 -14.00 23.03 7.71
CA ALA B 27 -13.90 24.16 8.64
C ALA B 27 -14.99 25.11 8.27
N SER B 28 -15.20 25.18 6.97
CA SER B 28 -16.23 26.07 6.47
C SER B 28 -17.58 25.60 7.00
N ASP B 29 -17.82 24.30 6.91
CA ASP B 29 -19.12 23.82 7.40
C ASP B 29 -19.25 24.02 8.90
N ILE B 30 -18.19 23.71 9.64
CA ILE B 30 -18.24 23.87 11.08
C ILE B 30 -18.46 25.34 11.43
N ALA B 31 -17.82 26.22 10.65
CA ALA B 31 -17.94 27.64 10.88
C ALA B 31 -19.41 28.08 10.84
N ASP B 32 -20.15 27.59 9.86
CA ASP B 32 -21.57 27.95 9.77
C ASP B 32 -22.41 27.26 10.81
N LEU B 33 -21.97 26.07 11.23
CA LEU B 33 -22.73 25.33 12.27
C LEU B 33 -22.67 26.18 13.53
N VAL B 34 -21.48 26.73 13.79
CA VAL B 34 -21.24 27.59 14.96
C VAL B 34 -22.15 28.82 14.98
N ARG B 35 -22.19 29.43 13.81
CA ARG B 35 -23.00 30.61 13.65
C ARG B 35 -24.47 30.27 13.78
N SER B 36 -24.83 29.03 13.49
CA SER B 36 -26.26 28.72 13.62
C SER B 36 -26.64 28.78 15.09
N ARG B 37 -25.63 28.67 15.95
CA ARG B 37 -25.87 28.69 17.39
C ARG B 37 -25.42 30.00 18.05
N THR B 38 -24.41 30.64 17.48
CA THR B 38 -23.82 31.87 18.01
C THR B 38 -23.52 32.77 16.81
N PRO B 39 -24.57 33.45 16.39
CA PRO B 39 -24.54 34.33 15.24
C PRO B 39 -23.36 35.26 15.17
N GLU B 40 -23.07 35.89 16.28
CA GLU B 40 -21.95 36.80 16.20
C GLU B 40 -20.64 36.25 16.71
N ALA B 41 -20.47 34.92 16.58
CA ALA B 41 -19.26 34.22 17.00
C ALA B 41 -18.03 34.92 16.45
N SER B 42 -17.08 35.23 17.34
CA SER B 42 -15.88 35.94 16.88
C SER B 42 -14.51 35.37 17.23
N SER B 43 -14.47 34.28 17.98
CA SER B 43 -13.21 33.63 18.38
C SER B 43 -13.47 32.12 18.38
N LEU B 44 -12.44 31.32 18.20
CA LEU B 44 -12.58 29.87 18.18
C LEU B 44 -11.29 29.17 18.65
N LEU B 45 -11.46 28.14 19.44
CA LEU B 45 -10.32 27.34 19.91
C LEU B 45 -10.47 25.98 19.23
N ASP B 46 -9.40 25.52 18.61
CA ASP B 46 -9.44 24.24 17.93
C ASP B 46 -8.66 23.27 18.82
N VAL B 47 -9.37 22.37 19.52
CA VAL B 47 -8.73 21.43 20.42
C VAL B 47 -8.18 20.17 19.77
N ALA B 48 -6.87 19.91 19.94
CA ALA B 48 -6.11 18.78 19.40
C ALA B 48 -6.09 19.10 17.92
N CYS B 49 -5.55 20.28 17.62
CA CYS B 49 -5.50 20.75 16.24
C CYS B 49 -4.65 20.02 15.25
N GLY B 50 -3.86 19.06 15.70
CA GLY B 50 -3.01 18.37 14.74
C GLY B 50 -1.99 19.32 14.07
N THR B 51 -1.84 19.22 12.76
CA THR B 51 -0.87 20.07 12.09
C THR B 51 -1.49 21.39 11.70
N GLY B 52 -2.66 21.69 12.28
CA GLY B 52 -3.25 22.98 11.95
C GLY B 52 -4.06 23.19 10.68
N THR B 53 -4.33 22.16 9.90
CA THR B 53 -5.13 22.36 8.68
C THR B 53 -6.46 23.11 8.83
N HIS B 54 -7.36 22.65 9.70
CA HIS B 54 -8.64 23.31 9.95
C HIS B 54 -8.36 24.69 10.56
N LEU B 55 -7.36 24.78 11.44
CA LEU B 55 -7.09 26.08 12.10
C LEU B 55 -6.82 27.27 11.22
N GLU B 56 -6.21 26.96 10.10
CA GLU B 56 -5.84 27.93 9.10
C GLU B 56 -7.12 28.41 8.48
N HIS B 57 -8.06 27.50 8.30
CA HIS B 57 -9.30 27.94 7.72
C HIS B 57 -10.17 28.64 8.72
N PHE B 58 -10.19 28.13 9.95
CA PHE B 58 -11.01 28.78 10.95
C PHE B 58 -10.56 30.20 11.19
N THR B 59 -9.26 30.39 10.99
CA THR B 59 -8.62 31.71 11.14
C THR B 59 -9.21 32.72 10.12
N LYS B 60 -9.43 32.29 8.90
CA LYS B 60 -10.03 33.25 7.98
C LYS B 60 -11.50 33.28 8.35
N GLU B 61 -11.97 32.25 9.02
CA GLU B 61 -13.36 32.27 9.37
C GLU B 61 -13.66 33.23 10.50
N PHE B 62 -12.87 33.16 11.58
CA PHE B 62 -13.16 34.05 12.69
C PHE B 62 -12.08 35.02 13.12
N GLY B 63 -10.89 34.88 12.55
CA GLY B 63 -9.84 35.83 12.96
C GLY B 63 -9.12 35.57 14.27
N ASP B 64 -9.82 35.73 15.39
CA ASP B 64 -9.21 35.51 16.71
C ASP B 64 -9.29 33.99 16.96
N THR B 65 -8.23 33.22 16.70
CA THR B 65 -8.26 31.76 16.90
C THR B 65 -7.07 31.19 17.64
N ALA B 66 -7.16 29.97 18.16
CA ALA B 66 -6.00 29.39 18.85
C ALA B 66 -6.17 27.89 18.70
N GLY B 67 -5.07 27.19 18.90
CA GLY B 67 -5.06 25.74 18.81
C GLY B 67 -4.41 25.15 20.07
N LEU B 68 -4.85 23.95 20.40
CA LEU B 68 -4.28 23.27 21.55
C LEU B 68 -3.81 21.89 21.08
N GLU B 69 -2.62 21.49 21.49
CA GLU B 69 -2.18 20.14 21.08
C GLU B 69 -1.35 19.54 22.19
N LEU B 70 -1.46 18.22 22.39
CA LEU B 70 -0.69 17.55 23.42
C LEU B 70 0.67 17.17 22.80
N SER B 71 0.72 16.98 21.47
CA SER B 71 1.91 16.59 20.72
C SER B 71 2.87 17.69 20.28
N GLU B 72 4.10 17.70 20.80
CA GLU B 72 5.04 18.73 20.36
C GLU B 72 5.29 18.62 18.84
N ASP B 73 5.31 17.39 18.34
CA ASP B 73 5.55 17.16 16.93
C ASP B 73 4.43 17.81 16.16
N MET B 74 3.18 17.53 16.55
CA MET B 74 2.04 18.12 15.86
C MET B 74 2.23 19.62 15.89
N LEU B 75 2.59 20.14 17.05
CA LEU B 75 2.79 21.60 17.15
C LEU B 75 3.89 22.19 16.26
N THR B 76 4.99 21.48 16.07
CA THR B 76 6.03 22.00 15.22
C THR B 76 5.50 22.12 13.78
N HIS B 77 4.66 21.19 13.33
CA HIS B 77 4.09 21.25 11.99
C HIS B 77 3.01 22.33 11.92
N ALA B 78 2.20 22.48 12.95
CA ALA B 78 1.19 23.54 12.89
C ALA B 78 1.87 24.90 12.79
N ARG B 79 2.95 25.05 13.57
CA ARG B 79 3.73 26.29 13.58
C ARG B 79 4.38 26.58 12.23
N LYS B 80 4.94 25.55 11.63
CA LYS B 80 5.56 25.68 10.32
C LYS B 80 4.43 26.16 9.37
N ARG B 81 3.24 25.54 9.42
CA ARG B 81 2.10 25.93 8.58
C ARG B 81 1.58 27.35 8.86
N LEU B 82 1.50 27.70 10.14
CA LEU B 82 1.00 29.00 10.62
C LEU B 82 1.94 29.65 11.62
N PRO B 83 2.96 30.35 11.11
CA PRO B 83 3.93 31.00 11.99
C PRO B 83 3.29 32.01 12.94
N ASP B 84 2.12 32.53 12.60
CA ASP B 84 1.49 33.50 13.46
C ASP B 84 0.25 33.03 14.22
N ALA B 85 0.00 31.72 14.19
CA ALA B 85 -1.16 31.22 14.91
C ALA B 85 -0.73 31.21 16.37
N THR B 86 -1.73 31.25 17.25
CA THR B 86 -1.54 31.21 18.70
C THR B 86 -1.68 29.73 19.03
N LEU B 87 -0.59 29.11 19.39
CA LEU B 87 -0.61 27.70 19.65
C LEU B 87 -0.27 27.34 21.08
N HIS B 88 -0.98 26.33 21.61
CA HIS B 88 -0.74 25.88 22.97
C HIS B 88 -0.41 24.40 23.08
N GLN B 89 0.51 24.08 23.98
CA GLN B 89 0.89 22.71 24.20
C GLN B 89 0.12 22.27 25.45
N GLY B 90 -0.44 21.07 25.46
CA GLY B 90 -1.17 20.68 26.65
C GLY B 90 -2.24 19.66 26.34
N ASP B 91 -2.97 19.28 27.40
CA ASP B 91 -4.04 18.29 27.46
C ASP B 91 -5.47 18.79 27.46
N MET B 92 -6.25 18.33 26.49
CA MET B 92 -7.64 18.78 26.44
C MET B 92 -8.38 18.37 27.71
N ARG B 93 -7.81 17.47 28.51
CA ARG B 93 -8.52 17.07 29.71
C ARG B 93 -8.54 18.17 30.75
N ASP B 94 -7.44 18.91 30.83
CA ASP B 94 -7.36 19.94 31.85
C ASP B 94 -6.57 21.18 31.55
N PHE B 95 -6.50 21.60 30.31
CA PHE B 95 -5.75 22.82 30.02
C PHE B 95 -6.50 24.06 30.57
N ARG B 96 -5.82 25.19 30.77
CA ARG B 96 -6.48 26.40 31.27
C ARG B 96 -5.86 27.50 30.48
N LEU B 97 -6.55 28.11 29.53
CA LEU B 97 -5.92 29.17 28.73
C LEU B 97 -6.12 30.54 29.29
N GLY B 98 -6.88 30.63 30.37
CA GLY B 98 -7.09 31.95 30.93
C GLY B 98 -7.86 32.92 30.04
N ARG B 99 -8.67 32.38 29.15
CA ARG B 99 -9.46 33.20 28.24
C ARG B 99 -10.67 32.42 27.71
N LYS B 100 -11.58 33.11 27.03
CA LYS B 100 -12.78 32.47 26.49
C LYS B 100 -12.86 32.67 24.99
N PHE B 101 -13.67 31.82 24.35
CA PHE B 101 -13.82 31.86 22.91
C PHE B 101 -15.30 31.71 22.68
N SER B 102 -15.76 32.20 21.54
CA SER B 102 -17.16 32.09 21.18
C SER B 102 -17.43 30.61 20.85
N ALA B 103 -16.43 29.87 20.35
CA ALA B 103 -16.53 28.45 20.00
C ALA B 103 -15.29 27.66 20.38
N VAL B 104 -15.54 26.44 20.84
CA VAL B 104 -14.47 25.53 21.22
C VAL B 104 -14.86 24.29 20.42
N VAL B 105 -13.98 23.89 19.50
CA VAL B 105 -14.20 22.72 18.64
C VAL B 105 -13.07 21.70 18.71
N SER B 106 -13.42 20.43 18.51
CA SER B 106 -12.44 19.36 18.53
C SER B 106 -12.78 18.46 17.35
N MET B 107 -11.99 18.53 16.27
CA MET B 107 -12.29 17.72 15.10
C MET B 107 -11.58 16.42 14.85
N PHE B 108 -12.18 15.61 13.97
CA PHE B 108 -11.61 14.35 13.55
C PHE B 108 -11.35 13.28 14.59
N SER B 109 -12.37 13.11 15.41
CA SER B 109 -12.36 12.11 16.44
C SER B 109 -11.31 12.11 17.54
N SER B 110 -10.66 13.27 17.72
CA SER B 110 -9.65 13.49 18.73
C SER B 110 -10.03 13.05 20.14
N VAL B 111 -11.25 13.36 20.59
CA VAL B 111 -11.63 12.97 21.93
C VAL B 111 -11.66 11.45 22.10
N GLY B 112 -11.57 10.70 21.00
CA GLY B 112 -11.58 9.23 21.09
C GLY B 112 -10.31 8.72 21.80
N TYR B 113 -9.29 9.56 21.85
CA TYR B 113 -8.04 9.17 22.50
C TYR B 113 -8.08 9.25 24.02
N LEU B 114 -9.23 9.66 24.53
CA LEU B 114 -9.41 9.79 25.97
C LEU B 114 -9.83 8.38 26.31
N LYS B 115 -9.35 7.90 27.45
CA LYS B 115 -9.68 6.56 27.82
C LYS B 115 -10.90 6.27 28.68
N THR B 116 -11.40 7.22 29.46
CA THR B 116 -12.56 6.85 30.25
C THR B 116 -13.57 7.98 30.18
N THR B 117 -14.79 7.75 30.68
CA THR B 117 -15.86 8.74 30.64
C THR B 117 -15.47 9.85 31.61
N GLU B 118 -14.59 9.49 32.55
CA GLU B 118 -14.15 10.51 33.49
C GLU B 118 -13.27 11.51 32.72
N GLU B 119 -12.38 11.02 31.87
CA GLU B 119 -11.52 11.94 31.12
C GLU B 119 -12.38 12.72 30.14
N LEU B 120 -13.25 11.99 29.42
CA LEU B 120 -14.14 12.64 28.45
C LEU B 120 -14.90 13.75 29.19
N GLY B 121 -15.36 13.49 30.42
CA GLY B 121 -16.10 14.54 31.15
C GLY B 121 -15.26 15.77 31.51
N ALA B 122 -14.02 15.52 31.96
CA ALA B 122 -13.06 16.54 32.33
C ALA B 122 -12.74 17.35 31.07
N ALA B 123 -12.58 16.66 29.92
CA ALA B 123 -12.25 17.40 28.68
C ALA B 123 -13.41 18.32 28.30
N VAL B 124 -14.61 17.72 28.31
CA VAL B 124 -15.79 18.48 27.97
C VAL B 124 -15.99 19.64 28.96
N ALA B 125 -15.85 19.40 30.26
CA ALA B 125 -16.00 20.51 31.21
C ALA B 125 -14.99 21.62 30.83
N SER B 126 -13.78 21.21 30.45
CA SER B 126 -12.75 22.18 30.05
C SER B 126 -13.20 23.03 28.85
N PHE B 127 -13.84 22.36 27.89
CA PHE B 127 -14.24 23.15 26.74
C PHE B 127 -15.23 24.14 27.30
N ALA B 128 -16.15 23.65 28.12
CA ALA B 128 -17.18 24.51 28.64
C ALA B 128 -16.63 25.69 29.39
N GLU B 129 -15.64 25.41 30.20
CA GLU B 129 -15.04 26.45 30.97
C GLU B 129 -14.36 27.47 30.08
N HIS B 130 -14.12 27.20 28.79
CA HIS B 130 -13.43 28.17 27.93
C HIS B 130 -14.41 28.85 27.00
N LEU B 131 -15.70 28.63 27.24
CA LEU B 131 -16.75 29.18 26.39
C LEU B 131 -17.32 30.51 26.81
N GLU B 132 -17.48 31.45 25.87
CA GLU B 132 -18.05 32.77 26.20
C GLU B 132 -19.54 32.50 26.42
N PRO B 133 -20.26 33.46 27.00
CA PRO B 133 -21.68 33.27 27.20
C PRO B 133 -22.22 33.29 25.76
N GLY B 134 -23.29 32.54 25.51
CA GLY B 134 -23.96 32.38 24.22
C GLY B 134 -23.06 31.65 23.20
N GLY B 135 -22.03 30.96 23.70
CA GLY B 135 -21.08 30.24 22.86
C GLY B 135 -21.53 28.84 22.46
N VAL B 136 -20.66 28.09 21.78
CA VAL B 136 -21.08 26.75 21.37
C VAL B 136 -19.87 25.84 21.28
N VAL B 137 -20.09 24.59 21.62
CA VAL B 137 -19.00 23.62 21.56
C VAL B 137 -19.39 22.63 20.47
N VAL B 138 -18.40 22.20 19.70
CA VAL B 138 -18.63 21.23 18.64
C VAL B 138 -17.54 20.16 18.72
N VAL B 139 -18.00 18.93 18.88
CA VAL B 139 -17.12 17.77 18.99
C VAL B 139 -17.39 16.72 17.93
N GLU B 140 -16.38 16.39 17.14
CA GLU B 140 -16.52 15.34 16.12
C GLU B 140 -16.00 14.11 16.86
N PRO B 141 -16.91 13.18 17.15
CA PRO B 141 -16.50 12.02 17.93
C PRO B 141 -15.95 10.88 17.11
N TRP B 142 -15.54 9.84 17.81
CA TRP B 142 -15.08 8.64 17.15
C TRP B 142 -16.39 7.81 17.03
N TRP B 143 -16.34 6.67 16.36
CA TRP B 143 -17.52 5.81 16.22
C TRP B 143 -17.99 5.34 17.62
N PHE B 144 -19.22 4.85 17.69
CA PHE B 144 -19.73 4.38 18.97
C PHE B 144 -19.66 2.87 18.88
N PRO B 145 -19.71 2.22 20.03
CA PRO B 145 -19.66 0.76 19.98
C PRO B 145 -20.75 0.20 19.04
N GLU B 146 -21.89 0.90 18.96
CA GLU B 146 -23.02 0.48 18.15
C GLU B 146 -22.88 0.66 16.65
N THR B 147 -21.89 1.45 16.24
CA THR B 147 -21.75 1.69 14.79
C THR B 147 -20.36 1.31 14.35
N PHE B 148 -19.60 0.73 15.28
CA PHE B 148 -18.23 0.35 14.94
C PHE B 148 -18.30 -0.84 14.00
N ALA B 149 -17.43 -0.84 13.01
CA ALA B 149 -17.38 -1.96 12.04
C ALA B 149 -16.04 -2.68 12.30
N ASP B 150 -16.16 -3.73 13.08
CA ASP B 150 -14.99 -4.54 13.45
C ASP B 150 -14.35 -5.26 12.25
N GLY B 151 -13.04 -5.44 12.27
CA GLY B 151 -12.33 -6.11 11.19
C GLY B 151 -12.18 -5.21 9.98
N TRP B 152 -12.66 -3.97 10.06
CA TRP B 152 -12.55 -3.09 8.91
C TRP B 152 -11.15 -2.90 8.32
N VAL B 153 -11.04 -3.00 6.99
CA VAL B 153 -9.72 -2.80 6.39
C VAL B 153 -9.87 -1.62 5.43
N SER B 154 -8.93 -0.67 5.48
CA SER B 154 -9.00 0.45 4.59
C SER B 154 -7.71 0.37 3.75
N ALA B 155 -7.75 0.51 2.43
CA ALA B 155 -6.49 0.44 1.71
C ALA B 155 -6.60 1.41 0.56
N ASP B 156 -5.68 2.35 0.52
CA ASP B 156 -5.74 3.35 -0.54
C ASP B 156 -4.36 3.75 -1.00
N VAL B 157 -4.33 4.18 -2.26
CA VAL B 157 -3.07 4.68 -2.84
C VAL B 157 -3.30 6.11 -3.31
N VAL B 158 -2.46 7.04 -2.88
CA VAL B 158 -2.63 8.41 -3.31
C VAL B 158 -1.33 8.85 -3.94
N ARG B 159 -1.41 9.83 -4.84
N ARG B 159 -1.41 9.82 -4.83
N ARG B 159 -1.40 9.80 -4.87
CA ARG B 159 -0.23 10.35 -5.51
CA ARG B 159 -0.24 10.36 -5.52
CA ARG B 159 -0.22 10.35 -5.58
C ARG B 159 -0.41 11.87 -5.48
C ARG B 159 -0.41 11.87 -5.48
C ARG B 159 -0.36 11.87 -5.55
N ARG B 160 0.55 12.55 -4.88
CA ARG B 160 0.47 14.02 -4.77
C ARG B 160 1.85 14.64 -4.73
N ASP B 161 2.06 15.68 -5.53
CA ASP B 161 3.35 16.35 -5.60
C ASP B 161 4.44 15.33 -5.96
N GLY B 162 4.08 14.40 -6.82
CA GLY B 162 4.96 13.35 -7.31
C GLY B 162 5.32 12.26 -6.32
N ARG B 163 4.79 12.38 -5.12
CA ARG B 163 5.06 11.41 -4.05
C ARG B 163 3.91 10.42 -3.96
N THR B 164 4.22 9.13 -3.86
CA THR B 164 3.16 8.14 -3.74
C THR B 164 3.05 7.64 -2.30
N VAL B 165 1.81 7.50 -1.85
CA VAL B 165 1.64 7.01 -0.48
C VAL B 165 0.57 5.91 -0.54
N ALA B 166 0.90 4.73 -0.04
CA ALA B 166 -0.08 3.65 -0.04
C ALA B 166 -0.30 3.53 1.46
N ARG B 167 -1.57 3.40 1.86
CA ARG B 167 -1.90 3.31 3.29
C ARG B 167 -2.91 2.22 3.52
N VAL B 168 -2.62 1.40 4.52
CA VAL B 168 -3.52 0.32 4.90
C VAL B 168 -3.76 0.32 6.40
N SER B 169 -5.02 0.29 6.80
CA SER B 169 -5.32 0.25 8.23
C SER B 169 -6.22 -0.97 8.40
N HIS B 170 -6.15 -1.56 9.60
CA HIS B 170 -6.97 -2.73 9.96
C HIS B 170 -7.45 -2.39 11.36
N SER B 171 -8.76 -2.46 11.58
CA SER B 171 -9.29 -2.11 12.91
C SER B 171 -10.00 -3.28 13.58
N VAL B 172 -9.73 -3.51 14.85
CA VAL B 172 -10.39 -4.59 15.57
C VAL B 172 -10.77 -4.08 16.97
N ARG B 173 -11.91 -4.56 17.45
CA ARG B 173 -12.36 -4.15 18.76
C ARG B 173 -11.55 -4.78 19.87
N GLU B 174 -11.27 -3.96 20.87
N GLU B 174 -11.23 -3.93 20.84
CA GLU B 174 -10.52 -4.44 22.00
CA GLU B 174 -10.45 -4.33 22.01
C GLU B 174 -11.07 -3.76 23.24
C GLU B 174 -11.07 -3.73 23.27
N GLY B 175 -11.85 -4.53 23.99
CA GLY B 175 -12.48 -4.05 25.20
C GLY B 175 -13.36 -2.96 24.59
N ASN B 176 -13.42 -1.81 25.24
CA ASN B 176 -14.25 -0.72 24.71
C ASN B 176 -13.51 0.28 23.80
N ALA B 177 -12.56 -0.21 23.01
CA ALA B 177 -11.83 0.64 22.09
C ALA B 177 -11.55 -0.08 20.77
N THR B 178 -11.23 0.76 19.80
CA THR B 178 -10.86 0.21 18.51
C THR B 178 -9.33 0.20 18.50
N ARG B 179 -8.70 -0.89 18.09
CA ARG B 179 -7.23 -0.92 18.00
C ARG B 179 -6.99 -0.81 16.50
N MET B 180 -6.47 0.31 15.99
CA MET B 180 -6.26 0.40 14.56
C MET B 180 -4.74 0.42 14.28
N GLU B 181 -4.27 -0.46 13.40
CA GLU B 181 -2.87 -0.56 13.04
C GLU B 181 -2.88 -0.05 11.61
N VAL B 182 -2.14 1.02 11.45
CA VAL B 182 -2.02 1.73 10.16
C VAL B 182 -0.66 1.60 9.54
N HIS B 183 -0.65 1.12 8.30
CA HIS B 183 0.58 0.93 7.56
C HIS B 183 0.81 1.89 6.42
N PHE B 184 1.86 2.70 6.51
CA PHE B 184 2.11 3.61 5.37
C PHE B 184 3.32 3.24 4.56
N THR B 185 3.13 3.27 3.26
CA THR B 185 4.24 2.98 2.36
C THR B 185 4.34 4.24 1.50
N VAL B 186 5.54 4.83 1.48
CA VAL B 186 5.78 6.07 0.73
C VAL B 186 6.96 5.99 -0.20
N ALA B 187 6.79 6.55 -1.39
CA ALA B 187 7.90 6.58 -2.33
C ALA B 187 7.85 7.86 -3.16
N ASP B 188 9.07 8.20 -3.59
CA ASP B 188 9.42 9.33 -4.41
C ASP B 188 10.38 8.75 -5.42
N PRO B 189 9.92 8.79 -6.66
CA PRO B 189 10.66 8.31 -7.82
C PRO B 189 12.08 8.85 -7.80
N GLY B 190 13.05 7.95 -7.94
CA GLY B 190 14.45 8.36 -7.91
C GLY B 190 14.89 8.76 -6.48
N LYS B 191 13.99 8.71 -5.50
CA LYS B 191 14.46 9.08 -4.15
C LYS B 191 14.61 7.84 -3.32
N GLY B 192 13.52 7.08 -3.25
CA GLY B 192 13.58 5.85 -2.47
C GLY B 192 12.17 5.43 -2.12
N VAL B 193 12.08 4.45 -1.22
CA VAL B 193 10.76 4.02 -0.81
C VAL B 193 10.92 3.71 0.66
N ARG B 194 9.91 4.07 1.46
CA ARG B 194 9.92 3.82 2.90
C ARG B 194 8.54 3.35 3.39
N HIS B 195 8.60 2.53 4.42
CA HIS B 195 7.44 1.98 5.09
C HIS B 195 7.53 2.19 6.59
N PHE B 196 6.38 2.45 7.19
CA PHE B 196 6.26 2.64 8.63
C PHE B 196 4.84 2.28 9.09
N SER B 197 4.72 1.91 10.36
CA SER B 197 3.40 1.56 10.85
C SER B 197 3.11 2.14 12.22
N ASP B 198 1.88 2.50 12.47
CA ASP B 198 1.50 3.06 13.74
C ASP B 198 0.36 2.24 14.26
N VAL B 199 0.13 2.27 15.57
CA VAL B 199 -0.98 1.55 16.18
C VAL B 199 -1.78 2.57 17.01
N HIS B 200 -3.09 2.64 16.83
CA HIS B 200 -3.96 3.57 17.58
C HIS B 200 -5.08 2.91 18.37
N LEU B 201 -5.29 3.36 19.60
CA LEU B 201 -6.36 2.80 20.43
C LEU B 201 -7.35 3.95 20.61
N ILE B 202 -8.53 3.87 19.99
CA ILE B 202 -9.53 4.92 20.05
C ILE B 202 -10.76 4.40 20.79
N THR B 203 -11.11 5.06 21.88
CA THR B 203 -12.28 4.62 22.65
C THR B 203 -13.61 4.74 21.92
N LEU B 204 -14.40 3.69 22.10
CA LEU B 204 -15.74 3.54 21.55
C LEU B 204 -16.64 3.94 22.69
N PHE B 205 -16.93 5.22 22.77
CA PHE B 205 -17.80 5.72 23.84
C PHE B 205 -19.22 5.65 23.27
N HIS B 206 -20.23 5.28 24.07
CA HIS B 206 -21.62 5.23 23.54
C HIS B 206 -22.05 6.69 23.39
N GLN B 207 -23.03 6.89 22.53
CA GLN B 207 -23.49 8.23 22.30
C GLN B 207 -23.95 8.80 23.63
N ALA B 208 -24.58 7.94 24.41
CA ALA B 208 -25.12 8.37 25.69
C ALA B 208 -24.03 8.89 26.59
N GLU B 209 -22.86 8.24 26.52
CA GLU B 209 -21.71 8.65 27.33
C GLU B 209 -21.21 10.01 26.87
N TYR B 210 -21.16 10.26 25.55
CA TYR B 210 -20.74 11.60 25.13
C TYR B 210 -21.71 12.67 25.67
N GLU B 211 -22.99 12.32 25.68
CA GLU B 211 -23.96 13.31 26.17
C GLU B 211 -23.90 13.60 27.65
N ALA B 212 -23.63 12.55 28.40
CA ALA B 212 -23.56 12.80 29.81
C ALA B 212 -22.44 13.80 30.09
N ALA B 213 -21.37 13.68 29.29
CA ALA B 213 -20.18 14.52 29.43
C ALA B 213 -20.60 15.97 29.20
N PHE B 214 -21.38 16.18 28.14
CA PHE B 214 -21.84 17.54 27.88
C PHE B 214 -22.76 17.96 29.01
N THR B 215 -23.70 17.09 29.34
CA THR B 215 -24.64 17.42 30.39
C THR B 215 -23.92 17.76 31.69
N ALA B 216 -22.91 16.95 32.01
CA ALA B 216 -22.19 17.23 33.23
C ALA B 216 -21.47 18.56 33.10
N ALA B 217 -21.12 18.92 31.87
CA ALA B 217 -20.42 20.17 31.66
C ALA B 217 -21.38 21.36 31.62
N GLY B 218 -22.64 21.18 32.01
CA GLY B 218 -23.54 22.34 31.98
C GLY B 218 -23.92 22.72 30.56
N LEU B 219 -23.85 21.80 29.61
CA LEU B 219 -24.22 22.16 28.25
C LEU B 219 -25.38 21.32 27.80
N ARG B 220 -26.27 21.93 27.02
N ARG B 220 -26.21 21.95 26.98
CA ARG B 220 -27.44 21.24 26.46
CA ARG B 220 -27.38 21.34 26.37
C ARG B 220 -26.88 20.70 25.13
C ARG B 220 -26.81 20.71 25.10
N VAL B 221 -26.87 19.39 24.95
CA VAL B 221 -26.31 18.84 23.71
C VAL B 221 -27.27 18.17 22.73
N GLU B 222 -26.90 18.19 21.46
CA GLU B 222 -27.63 17.58 20.38
C GLU B 222 -26.64 16.80 19.51
N TYR B 223 -27.01 15.57 19.16
CA TYR B 223 -26.17 14.73 18.34
C TYR B 223 -26.63 14.94 16.91
N LEU B 224 -25.72 15.27 16.00
CA LEU B 224 -26.06 15.48 14.58
C LEU B 224 -25.46 14.32 13.79
N GLU B 225 -26.32 13.68 12.99
CA GLU B 225 -25.91 12.54 12.18
C GLU B 225 -25.07 12.93 10.95
N GLY B 226 -24.25 12.02 10.41
CA GLY B 226 -23.43 12.33 9.25
C GLY B 226 -22.07 12.90 9.65
N GLY B 227 -21.92 14.23 9.57
CA GLY B 227 -20.67 14.91 9.91
C GLY B 227 -19.57 14.75 8.87
N PRO B 228 -18.41 15.36 9.14
CA PRO B 228 -17.30 15.29 8.20
C PRO B 228 -16.78 13.88 7.93
N SER B 229 -16.85 12.98 8.90
CA SER B 229 -16.33 11.62 8.71
C SER B 229 -17.37 10.53 8.80
N GLY B 230 -18.62 10.99 8.85
CA GLY B 230 -19.72 10.04 8.92
C GLY B 230 -19.89 9.58 10.34
N ARG B 231 -19.21 10.21 11.29
CA ARG B 231 -19.32 9.80 12.70
C ARG B 231 -20.28 10.75 13.45
N GLY B 232 -20.79 11.74 12.71
CA GLY B 232 -21.71 12.72 13.26
C GLY B 232 -20.97 13.81 14.01
N LEU B 233 -21.71 14.57 14.81
CA LEU B 233 -21.10 15.64 15.56
C LEU B 233 -22.04 15.92 16.73
N PHE B 234 -21.41 16.35 17.82
CA PHE B 234 -22.08 16.75 19.04
C PHE B 234 -21.94 18.28 19.10
N VAL B 235 -23.11 18.90 19.29
CA VAL B 235 -23.24 20.35 19.39
C VAL B 235 -23.78 20.70 20.76
N GLY B 236 -22.99 21.43 21.53
CA GLY B 236 -23.44 21.79 22.87
C GLY B 236 -23.39 23.26 23.17
N VAL B 237 -24.39 23.71 23.93
CA VAL B 237 -24.45 25.11 24.30
C VAL B 237 -24.80 25.16 25.78
N PRO B 238 -24.48 26.25 26.43
CA PRO B 238 -24.78 26.44 27.85
C PRO B 238 -26.26 26.22 28.15
N ALA B 239 -26.55 25.21 28.97
CA ALA B 239 -27.93 24.89 29.33
C ALA B 239 -28.83 26.01 29.87
#